data_2ZAE
#
_entry.id   2ZAE
#
_cell.length_a   74.829
_cell.length_b   127.070
_cell.length_c   51.857
_cell.angle_alpha   90.00
_cell.angle_beta   90.00
_cell.angle_gamma   90.00
#
_symmetry.space_group_name_H-M   'P 21 21 2'
#
loop_
_entity.id
_entity.type
_entity.pdbx_description
1 polymer 'Ribonuclease P protein component 1'
2 polymer 'Ribonuclease P protein component 4'
3 non-polymer 'NITRATE ION'
4 non-polymer GLYCEROL
5 non-polymer 'ZINC ION'
6 water water
#
loop_
_entity_poly.entity_id
_entity_poly.type
_entity_poly.pdbx_seq_one_letter_code
_entity_poly.pdbx_strand_id
1 'polypeptide(L)'
;MRRNSKERKNRATRRSQGSYQEIIGRTWIFRGAHRGRVTRRNIIWHELIGLRVRIVGSTHPAFVGIEGYVIDETRNMLVI
AGDRIWKVPKDVSIFEFEADDGTKIKIPGERLVGRPEMRLKKRWKKW
;
A,C
2 'polypeptide(L)'
;MVDIVKRRDWEKKEKKKIAIERIDTLFTLAERVARYSPDLAKRYVELALEIQKKAKVKIPRKWKRRYCKRCHTFLIPGVN
ARVRLRTKRMPHVVITCLECGYIMRYPYLREVKQKRKKAT
;
B,D
#
loop_
_chem_comp.id
_chem_comp.type
_chem_comp.name
_chem_comp.formula
GOL non-polymer GLYCEROL 'C3 H8 O3'
NO3 non-polymer 'NITRATE ION' 'N O3 -1'
ZN non-polymer 'ZINC ION' 'Zn 2'
#
# COMPACT_ATOMS: atom_id res chain seq x y z
N GLY A 18 9.50 19.43 15.39
CA GLY A 18 10.94 19.58 15.00
C GLY A 18 11.88 19.54 16.19
N SER A 19 11.59 18.65 17.14
CA SER A 19 12.36 18.47 18.39
C SER A 19 13.53 17.53 18.14
N TYR A 20 14.04 17.63 16.92
CA TYR A 20 15.03 16.74 16.44
C TYR A 20 16.42 17.32 16.70
N GLN A 21 16.50 18.64 16.81
CA GLN A 21 17.77 19.36 16.94
C GLN A 21 18.59 18.99 18.20
N GLU A 22 17.90 18.56 19.26
CA GLU A 22 18.52 18.05 20.50
C GLU A 22 19.35 16.79 20.28
N ILE A 23 19.10 16.10 19.18
CA ILE A 23 19.81 14.87 18.84
C ILE A 23 21.14 15.14 18.14
N ILE A 24 21.25 16.28 17.46
CA ILE A 24 22.50 16.65 16.81
C ILE A 24 23.58 16.70 17.89
N GLY A 25 24.69 16.01 17.62
CA GLY A 25 25.81 15.99 18.57
C GLY A 25 25.61 14.90 19.58
N ARG A 26 24.49 14.18 19.51
CA ARG A 26 24.13 13.17 20.52
C ARG A 26 23.74 11.82 19.90
N THR A 27 24.20 11.56 18.68
CA THR A 27 23.69 10.39 17.95
C THR A 27 24.28 9.11 18.51
N TRP A 28 25.36 9.25 19.29
CA TRP A 28 25.95 8.09 19.97
C TRP A 28 24.94 7.32 20.84
N ILE A 29 23.87 7.98 21.27
CA ILE A 29 22.86 7.36 22.14
C ILE A 29 22.15 6.24 21.43
N PHE A 30 22.19 6.27 20.10
CA PHE A 30 21.47 5.29 19.27
C PHE A 30 22.24 3.99 19.11
N ARG A 31 23.54 4.00 19.42
CA ARG A 31 24.38 2.83 19.18
C ARG A 31 23.92 1.61 19.98
N GLY A 32 23.68 0.51 19.27
CA GLY A 32 23.23 -0.71 19.91
C GLY A 32 21.78 -0.71 20.34
N ALA A 33 21.03 0.34 20.02
CA ALA A 33 19.66 0.45 20.53
C ALA A 33 18.66 -0.41 19.76
N HIS A 34 18.81 -0.54 18.44
CA HIS A 34 17.86 -1.32 17.65
C HIS A 34 17.95 -2.79 18.07
N ARG A 35 16.80 -3.42 18.27
CA ARG A 35 16.72 -4.75 18.90
C ARG A 35 16.21 -5.86 17.96
N GLY A 36 15.76 -5.49 16.78
CA GLY A 36 15.35 -6.51 15.80
C GLY A 36 16.51 -7.09 14.99
N ARG A 37 16.29 -8.28 14.43
CA ARG A 37 17.16 -8.84 13.42
C ARG A 37 16.49 -8.45 12.13
N VAL A 38 17.10 -7.52 11.38
CA VAL A 38 16.46 -7.01 10.16
C VAL A 38 17.14 -7.58 8.91
N THR A 39 16.30 -8.04 7.98
CA THR A 39 16.73 -8.64 6.71
C THR A 39 16.13 -7.83 5.54
N ARG A 40 16.57 -8.10 4.31
CA ARG A 40 15.97 -7.46 3.14
C ARG A 40 14.50 -7.90 2.92
N ARG A 41 14.16 -9.11 3.32
CA ARG A 41 12.78 -9.57 3.23
C ARG A 41 11.89 -8.81 4.22
N ASN A 42 12.30 -8.74 5.48
CA ASN A 42 11.46 -8.25 6.56
C ASN A 42 11.51 -6.73 6.89
N ILE A 43 12.47 -6.00 6.33
CA ILE A 43 12.67 -4.55 6.65
C ILE A 43 11.42 -3.67 6.38
N ILE A 44 10.67 -4.10 5.39
CA ILE A 44 9.36 -3.55 5.00
C ILE A 44 8.31 -3.57 6.14
N TRP A 45 8.49 -4.49 7.11
CA TRP A 45 7.58 -4.71 8.22
C TRP A 45 8.18 -4.27 9.56
N HIS A 46 9.48 -3.95 9.57
CA HIS A 46 10.21 -3.75 10.81
C HIS A 46 10.34 -2.26 11.19
N GLU A 47 11.07 -1.98 12.27
CA GLU A 47 11.29 -0.61 12.73
C GLU A 47 12.45 0.00 11.95
N LEU A 48 12.16 1.09 11.26
CA LEU A 48 13.19 1.79 10.51
C LEU A 48 13.88 2.79 11.46
N ILE A 49 13.12 3.32 12.41
CA ILE A 49 13.66 4.22 13.44
C ILE A 49 14.75 3.51 14.25
N GLY A 50 15.88 4.19 14.46
CA GLY A 50 17.04 3.58 15.15
C GLY A 50 18.03 2.84 14.26
N LEU A 51 17.72 2.68 12.98
CA LEU A 51 18.67 2.13 12.00
C LEU A 51 19.53 3.24 11.42
N ARG A 52 20.84 2.99 11.27
CA ARG A 52 21.71 3.84 10.46
C ARG A 52 21.43 3.62 8.97
N VAL A 53 21.47 4.73 8.23
CA VAL A 53 21.06 4.74 6.84
C VAL A 53 21.97 5.69 6.09
N ARG A 54 22.19 5.37 4.82
CA ARG A 54 22.89 6.21 3.90
C ARG A 54 21.97 6.27 2.70
N ILE A 55 21.89 7.44 2.07
CA ILE A 55 21.11 7.53 0.85
C ILE A 55 22.00 7.40 -0.38
N VAL A 56 21.79 6.31 -1.11
CA VAL A 56 22.63 6.00 -2.27
C VAL A 56 22.13 6.69 -3.54
N GLY A 57 20.85 7.02 -3.58
CA GLY A 57 20.30 7.76 -4.71
C GLY A 57 19.03 8.50 -4.38
N SER A 58 18.78 9.59 -5.10
CA SER A 58 17.60 10.42 -4.89
C SER A 58 17.41 11.44 -6.02
N THR A 59 16.14 11.76 -6.30
CA THR A 59 15.78 12.81 -7.25
C THR A 59 16.33 14.19 -6.83
N HIS A 60 16.53 14.39 -5.53
CA HIS A 60 17.05 15.64 -5.02
C HIS A 60 18.55 15.49 -4.73
N PRO A 61 19.40 16.17 -5.53
CA PRO A 61 20.85 16.07 -5.48
C PRO A 61 21.46 16.19 -4.08
N ALA A 62 20.89 17.05 -3.24
CA ALA A 62 21.47 17.35 -1.94
C ALA A 62 21.22 16.23 -0.93
N PHE A 63 20.36 15.28 -1.29
CA PHE A 63 20.10 14.15 -0.41
C PHE A 63 21.06 12.99 -0.60
N VAL A 64 21.63 12.84 -1.80
CA VAL A 64 22.57 11.75 -2.08
C VAL A 64 23.83 11.86 -1.18
N GLY A 65 24.17 10.77 -0.52
CA GLY A 65 25.35 10.76 0.37
C GLY A 65 25.12 11.09 1.85
N ILE A 66 23.94 11.60 2.19
CA ILE A 66 23.73 11.90 3.61
C ILE A 66 23.58 10.59 4.40
N GLU A 67 24.19 10.59 5.59
CA GLU A 67 24.20 9.44 6.49
C GLU A 67 23.78 9.88 7.87
N GLY A 68 23.03 9.03 8.58
CA GLY A 68 22.76 9.26 10.01
C GLY A 68 21.84 8.18 10.53
N TYR A 69 21.31 8.36 11.73
CA TYR A 69 20.27 7.48 12.26
C TYR A 69 18.90 8.00 11.87
N VAL A 70 18.01 7.09 11.52
CA VAL A 70 16.58 7.39 11.41
C VAL A 70 16.00 7.60 12.80
N ILE A 71 15.48 8.80 13.04
CA ILE A 71 14.91 9.16 14.34
C ILE A 71 13.39 9.31 14.31
N ASP A 72 12.80 9.38 13.12
CA ASP A 72 11.34 9.47 12.98
C ASP A 72 10.96 9.08 11.56
N GLU A 73 9.67 8.81 11.36
CA GLU A 73 9.14 8.32 10.12
C GLU A 73 7.67 8.75 10.04
N THR A 74 7.29 9.23 8.85
CA THR A 74 5.91 9.50 8.52
C THR A 74 5.62 8.74 7.22
N ARG A 75 4.39 8.83 6.70
CA ARG A 75 4.01 8.02 5.53
C ARG A 75 5.02 8.00 4.38
N ASN A 76 5.52 9.18 3.99
CA ASN A 76 6.46 9.27 2.87
C ASN A 76 7.75 10.03 3.18
N MET A 77 8.23 9.94 4.42
CA MET A 77 9.38 10.69 4.85
CA MET A 77 9.36 10.74 4.90
C MET A 77 10.14 9.97 5.97
N LEU A 78 11.46 10.03 5.92
CA LEU A 78 12.30 9.56 7.03
C LEU A 78 13.10 10.76 7.55
N VAL A 79 13.08 10.97 8.87
CA VAL A 79 13.85 12.03 9.50
C VAL A 79 15.20 11.43 9.94
N ILE A 80 16.31 12.01 9.47
CA ILE A 80 17.62 11.43 9.69
C ILE A 80 18.51 12.39 10.44
N ALA A 81 19.23 11.90 11.45
CA ALA A 81 20.16 12.74 12.19
C ALA A 81 21.60 12.25 12.02
N GLY A 82 22.40 13.04 11.33
CA GLY A 82 23.83 12.85 11.32
C GLY A 82 24.48 14.15 11.76
N ASP A 83 25.21 14.78 10.84
CA ASP A 83 25.86 16.05 11.06
C ASP A 83 24.83 17.21 11.22
N ARG A 84 23.65 17.01 10.65
CA ARG A 84 22.48 17.89 10.79
C ARG A 84 21.24 17.02 10.65
N ILE A 85 20.06 17.61 10.79
CA ILE A 85 18.81 16.88 10.56
C ILE A 85 18.31 17.01 9.14
N TRP A 86 17.99 15.87 8.54
CA TRP A 86 17.47 15.81 7.19
C TRP A 86 16.09 15.17 7.20
N LYS A 87 15.15 15.78 6.51
CA LYS A 87 13.87 15.16 6.20
C LYS A 87 13.91 14.69 4.74
N VAL A 88 14.02 13.37 4.56
CA VAL A 88 14.15 12.81 3.22
C VAL A 88 12.95 11.96 2.85
N PRO A 89 12.36 12.21 1.66
CA PRO A 89 11.16 11.49 1.25
C PRO A 89 11.46 10.08 0.78
N LYS A 90 10.53 9.16 1.06
CA LYS A 90 10.76 7.76 0.79
C LYS A 90 10.75 7.45 -0.70
N ASP A 91 9.69 7.86 -1.39
CA ASP A 91 9.37 7.39 -2.74
C ASP A 91 10.35 7.79 -3.84
N VAL A 92 11.13 8.84 -3.63
CA VAL A 92 12.10 9.25 -4.66
C VAL A 92 13.56 8.92 -4.31
N SER A 93 13.74 8.08 -3.29
CA SER A 93 15.07 7.78 -2.75
C SER A 93 15.40 6.28 -2.66
N ILE A 94 16.69 5.97 -2.65
CA ILE A 94 17.18 4.62 -2.48
C ILE A 94 18.10 4.60 -1.26
N PHE A 95 17.82 3.67 -0.35
CA PHE A 95 18.43 3.69 0.97
C PHE A 95 19.33 2.49 1.18
N GLU A 96 20.48 2.72 1.82
CA GLU A 96 21.29 1.63 2.32
C GLU A 96 21.27 1.67 3.84
N PHE A 97 20.50 0.75 4.44
CA PHE A 97 20.39 0.59 5.89
C PHE A 97 21.46 -0.36 6.40
N GLU A 98 21.82 -0.15 7.66
CA GLU A 98 22.81 -0.99 8.32
C GLU A 98 22.13 -1.87 9.37
N ALA A 99 22.21 -3.20 9.18
CA ALA A 99 21.75 -4.18 10.18
C ALA A 99 22.74 -4.29 11.35
N ASP A 100 22.36 -5.02 12.41
CA ASP A 100 23.12 -5.06 13.67
C ASP A 100 24.54 -5.64 13.58
N ASP A 101 24.78 -6.52 12.61
CA ASP A 101 26.11 -7.07 12.34
C ASP A 101 27.00 -6.16 11.45
N GLY A 102 26.40 -5.11 10.88
CA GLY A 102 27.12 -4.14 10.08
C GLY A 102 27.04 -4.41 8.59
N THR A 103 26.30 -5.46 8.22
CA THR A 103 25.96 -5.74 6.84
C THR A 103 24.94 -4.71 6.39
N LYS A 104 24.76 -4.58 5.08
CA LYS A 104 23.96 -3.52 4.52
C LYS A 104 22.75 -4.06 3.77
N ILE A 105 21.64 -3.35 3.94
CA ILE A 105 20.40 -3.65 3.26
C ILE A 105 20.09 -2.48 2.33
N LYS A 106 19.99 -2.78 1.03
CA LYS A 106 19.70 -1.80 0.01
C LYS A 106 18.27 -1.97 -0.49
N ILE A 107 17.51 -0.88 -0.52
CA ILE A 107 16.10 -0.95 -0.88
C ILE A 107 15.59 0.41 -1.39
N PRO A 108 14.80 0.42 -2.47
CA PRO A 108 14.14 1.67 -2.90
C PRO A 108 13.13 2.14 -1.86
N GLY A 109 13.11 3.44 -1.57
CA GLY A 109 12.22 3.98 -0.54
C GLY A 109 10.74 3.73 -0.83
N GLU A 110 10.37 3.69 -2.11
CA GLU A 110 9.06 3.30 -2.57
C GLU A 110 8.49 2.13 -1.77
N ARG A 111 9.30 1.11 -1.50
CA ARG A 111 8.84 -0.09 -0.80
C ARG A 111 8.54 0.15 0.69
N LEU A 112 8.98 1.30 1.21
CA LEU A 112 8.79 1.67 2.62
C LEU A 112 7.69 2.73 2.87
N VAL A 113 6.98 3.14 1.80
CA VAL A 113 5.91 4.13 1.91
C VAL A 113 4.81 3.60 2.83
N GLY A 114 4.36 4.45 3.76
CA GLY A 114 3.32 4.09 4.72
C GLY A 114 3.75 4.50 6.11
N ARG A 115 2.77 4.85 6.96
CA ARG A 115 3.02 5.16 8.37
C ARG A 115 3.72 3.99 9.07
N PRO A 116 4.60 4.29 10.07
CA PRO A 116 5.32 3.20 10.72
C PRO A 116 4.39 2.13 11.30
N GLU A 117 3.30 2.54 11.95
CA GLU A 117 2.36 1.56 12.49
C GLU A 117 1.64 0.75 11.38
N MET A 118 1.31 1.40 10.26
CA MET A 118 0.56 0.79 9.14
C MET A 118 1.35 -0.23 8.32
N ARG A 119 2.67 -0.27 8.53
CA ARG A 119 3.54 -1.13 7.73
C ARG A 119 3.58 -2.56 8.25
N LEU A 120 3.02 -2.81 9.42
CA LEU A 120 3.09 -4.15 10.02
C LEU A 120 2.53 -5.26 9.11
N LYS A 121 1.38 -4.98 8.49
CA LYS A 121 0.79 -5.89 7.50
C LYS A 121 1.27 -5.57 6.07
N LYS A 122 2.03 -6.50 5.48
CA LYS A 122 2.57 -6.42 4.11
C LYS A 122 3.30 -5.13 3.67
N GLU B 11 1.81 -17.19 8.19
CA GLU B 11 2.82 -17.04 9.28
C GLU B 11 2.52 -15.86 10.22
N LYS B 12 1.52 -16.08 11.08
CA LYS B 12 1.17 -15.13 12.13
C LYS B 12 2.32 -15.02 13.13
N LYS B 13 3.03 -16.12 13.35
CA LYS B 13 4.11 -16.22 14.34
C LYS B 13 5.24 -15.21 14.07
N GLU B 14 5.62 -15.07 12.80
CA GLU B 14 6.63 -14.10 12.40
C GLU B 14 6.21 -12.67 12.71
N LYS B 15 4.97 -12.34 12.34
CA LYS B 15 4.46 -10.98 12.51
C LYS B 15 4.29 -10.56 13.96
N LYS B 16 3.99 -11.53 14.82
CA LYS B 16 3.96 -11.32 16.27
C LYS B 16 5.37 -11.16 16.81
N LYS B 17 6.32 -11.90 16.23
CA LYS B 17 7.74 -11.79 16.57
C LYS B 17 8.28 -10.40 16.21
N ILE B 18 8.05 -9.99 14.95
CA ILE B 18 8.45 -8.67 14.47
C ILE B 18 7.88 -7.56 15.36
N ALA B 19 6.59 -7.65 15.66
CA ALA B 19 5.89 -6.69 16.52
C ALA B 19 6.58 -6.48 17.86
N ILE B 20 6.95 -7.56 18.52
CA ILE B 20 7.62 -7.48 19.82
C ILE B 20 8.97 -6.82 19.69
N GLU B 21 9.70 -7.17 18.63
CA GLU B 21 11.01 -6.60 18.37
C GLU B 21 10.92 -5.10 18.11
N ARG B 22 9.84 -4.70 17.46
CA ARG B 22 9.59 -3.28 17.20
C ARG B 22 9.28 -2.51 18.48
N ILE B 23 8.42 -3.08 19.33
CA ILE B 23 8.08 -2.51 20.65
C ILE B 23 9.33 -2.38 21.53
N ASP B 24 10.12 -3.45 21.56
CA ASP B 24 11.37 -3.51 22.31
C ASP B 24 12.34 -2.42 21.82
N THR B 25 12.46 -2.28 20.50
CA THR B 25 13.32 -1.28 19.87
C THR B 25 12.92 0.14 20.29
N LEU B 26 11.63 0.45 20.13
CA LEU B 26 11.09 1.77 20.45
C LEU B 26 11.16 2.16 21.92
N PHE B 27 10.97 1.20 22.84
CA PHE B 27 11.12 1.47 24.27
C PHE B 27 12.62 1.69 24.61
N THR B 28 13.50 0.91 24.00
CA THR B 28 14.96 1.06 24.15
C THR B 28 15.43 2.45 23.70
N LEU B 29 14.97 2.87 22.52
CA LEU B 29 15.22 4.21 22.00
C LEU B 29 14.63 5.32 22.85
N ALA B 30 13.45 5.11 23.43
CA ALA B 30 12.85 6.11 24.30
C ALA B 30 13.70 6.33 25.54
N GLU B 31 14.23 5.25 26.10
CA GLU B 31 15.16 5.34 27.24
C GLU B 31 16.43 6.11 26.87
N ARG B 32 16.97 5.84 25.69
CA ARG B 32 18.16 6.56 25.19
C ARG B 32 17.93 8.05 24.92
N VAL B 33 16.77 8.41 24.37
CA VAL B 33 16.57 9.82 23.99
C VAL B 33 15.92 10.70 25.07
N ALA B 34 15.26 10.08 26.06
CA ALA B 34 14.34 10.81 26.94
C ALA B 34 14.94 11.97 27.71
N ARG B 35 16.20 11.82 28.13
CA ARG B 35 16.95 12.88 28.82
C ARG B 35 17.12 14.16 27.98
N TYR B 36 17.15 14.00 26.66
CA TYR B 36 17.50 15.10 25.76
C TYR B 36 16.31 15.61 24.96
N SER B 37 15.43 14.70 24.56
CA SER B 37 14.24 15.11 23.84
C SER B 37 13.03 14.31 24.31
N PRO B 38 12.41 14.75 25.41
CA PRO B 38 11.32 13.96 26.00
C PRO B 38 10.09 13.78 25.07
N ASP B 39 9.87 14.73 24.16
CA ASP B 39 8.77 14.62 23.18
C ASP B 39 9.03 13.57 22.10
N LEU B 40 10.29 13.38 21.74
CA LEU B 40 10.66 12.31 20.83
C LEU B 40 10.45 10.96 21.52
N ALA B 41 10.86 10.85 22.77
CA ALA B 41 10.66 9.62 23.57
C ALA B 41 9.20 9.28 23.72
N LYS B 42 8.38 10.30 23.84
CA LYS B 42 6.96 10.17 23.96
C LYS B 42 6.34 9.64 22.65
N ARG B 43 6.85 10.09 21.51
CA ARG B 43 6.45 9.57 20.18
C ARG B 43 6.74 8.06 20.09
N TYR B 44 7.95 7.66 20.51
CA TYR B 44 8.37 6.25 20.51
C TYR B 44 7.45 5.39 21.38
N VAL B 45 7.22 5.82 22.61
CA VAL B 45 6.28 5.14 23.50
C VAL B 45 4.87 4.96 22.86
N GLU B 46 4.30 6.05 22.35
CA GLU B 46 2.97 5.99 21.75
C GLU B 46 2.91 5.16 20.47
N LEU B 47 3.97 5.20 19.65
CA LEU B 47 4.07 4.33 18.47
C LEU B 47 4.09 2.86 18.92
N ALA B 48 4.87 2.56 19.95
CA ALA B 48 4.97 1.20 20.47
C ALA B 48 3.61 0.66 20.96
N LEU B 49 2.83 1.51 21.64
CA LEU B 49 1.50 1.11 22.14
C LEU B 49 0.51 0.91 20.99
N GLU B 50 0.62 1.73 19.96
CA GLU B 50 -0.20 1.60 18.76
C GLU B 50 0.14 0.28 18.03
N ILE B 51 1.43 -0.07 17.99
CA ILE B 51 1.91 -1.36 17.44
C ILE B 51 1.31 -2.52 18.24
N GLN B 52 1.38 -2.40 19.57
CA GLN B 52 0.93 -3.43 20.49
C GLN B 52 -0.55 -3.77 20.32
N LYS B 53 -1.38 -2.75 20.11
CA LYS B 53 -2.81 -3.00 19.96
C LYS B 53 -3.20 -3.37 18.52
N LYS B 54 -2.36 -2.99 17.56
CA LYS B 54 -2.56 -3.40 16.17
C LYS B 54 -2.18 -4.87 15.97
N ALA B 55 -1.10 -5.29 16.60
CA ALA B 55 -0.61 -6.66 16.48
C ALA B 55 -1.08 -7.59 17.59
N LYS B 56 -1.77 -7.04 18.60
CA LYS B 56 -2.34 -7.81 19.70
C LYS B 56 -1.28 -8.66 20.43
N VAL B 57 -0.17 -8.02 20.79
CA VAL B 57 0.90 -8.65 21.55
C VAL B 57 1.04 -7.98 22.92
N LYS B 58 1.86 -8.54 23.82
CA LYS B 58 2.09 -7.93 25.14
C LYS B 58 3.36 -7.07 25.17
N ILE B 59 3.38 -6.08 26.05
CA ILE B 59 4.57 -5.26 26.30
C ILE B 59 5.57 -6.11 27.10
N PRO B 60 6.84 -6.22 26.62
CA PRO B 60 7.85 -6.95 27.41
C PRO B 60 7.88 -6.46 28.87
N ARG B 61 7.89 -7.40 29.83
CA ARG B 61 7.75 -7.08 31.26
C ARG B 61 8.72 -6.01 31.76
N LYS B 62 9.90 -5.95 31.15
CA LYS B 62 10.89 -4.95 31.56
C LYS B 62 10.50 -3.52 31.17
N TRP B 63 9.51 -3.37 30.30
CA TRP B 63 9.11 -2.04 29.86
C TRP B 63 7.80 -1.53 30.46
N LYS B 64 6.97 -2.41 30.99
CA LYS B 64 5.57 -2.05 31.26
C LYS B 64 5.31 -1.02 32.39
N ARG B 65 6.28 -0.84 33.29
CA ARG B 65 6.16 0.23 34.26
C ARG B 65 7.11 1.40 33.98
N ARG B 66 7.70 1.44 32.79
CA ARG B 66 8.71 2.45 32.48
C ARG B 66 8.17 3.63 31.66
N TYR B 67 6.87 3.64 31.39
CA TYR B 67 6.21 4.83 30.85
C TYR B 67 5.01 5.26 31.75
N CYS B 68 4.75 6.55 31.76
CA CYS B 68 3.55 7.08 32.42
C CYS B 68 2.30 6.67 31.65
N LYS B 69 1.43 5.92 32.32
CA LYS B 69 0.17 5.45 31.72
C LYS B 69 -0.83 6.57 31.42
N ARG B 70 -0.61 7.72 32.04
CA ARG B 70 -1.43 8.89 31.81
C ARG B 70 -0.93 9.73 30.62
N CYS B 71 0.35 10.14 30.64
CA CYS B 71 0.86 11.05 29.62
C CYS B 71 1.81 10.41 28.60
N HIS B 72 2.18 9.15 28.82
CA HIS B 72 3.10 8.41 27.92
C HIS B 72 4.55 8.93 27.83
N THR B 73 4.92 9.83 28.75
CA THR B 73 6.32 10.14 29.01
C THR B 73 7.09 8.84 29.28
N PHE B 74 8.31 8.72 28.73
CA PHE B 74 9.21 7.68 29.19
C PHE B 74 9.86 8.11 30.51
N LEU B 75 9.80 7.22 31.51
CA LEU B 75 10.20 7.55 32.87
C LEU B 75 11.66 7.25 33.17
N ILE B 76 12.43 8.30 33.49
CA ILE B 76 13.80 8.14 34.01
C ILE B 76 13.82 8.54 35.49
N PRO B 77 13.87 7.53 36.39
CA PRO B 77 13.91 7.75 37.82
C PRO B 77 15.04 8.71 38.14
N GLY B 78 14.73 9.77 38.87
CA GLY B 78 15.73 10.76 39.20
C GLY B 78 15.80 11.91 38.20
N VAL B 79 15.17 11.78 37.04
CA VAL B 79 15.14 12.89 36.09
C VAL B 79 13.72 13.43 35.92
N ASN B 80 12.81 12.62 35.35
CA ASN B 80 11.41 13.05 35.20
C ASN B 80 10.45 12.14 35.97
N ALA B 81 10.99 11.42 36.95
CA ALA B 81 10.19 10.52 37.76
C ALA B 81 10.75 10.34 39.16
N ARG B 82 9.86 10.27 40.13
CA ARG B 82 10.22 10.00 41.51
C ARG B 82 9.81 8.57 41.82
N VAL B 83 10.77 7.77 42.30
CA VAL B 83 10.50 6.38 42.73
C VAL B 83 10.77 6.22 44.23
N ARG B 84 9.77 5.75 44.98
CA ARG B 84 9.95 5.33 46.39
C ARG B 84 9.42 3.91 46.68
N LEU B 85 10.15 3.22 47.56
CA LEU B 85 9.72 1.97 48.14
C LEU B 85 9.07 2.27 49.51
N ARG B 86 7.81 1.89 49.64
CA ARG B 86 7.05 2.12 50.86
C ARG B 86 6.56 0.79 51.42
N THR B 87 7.05 0.42 52.60
CA THR B 87 6.87 -0.94 53.07
C THR B 87 6.34 -1.10 54.52
N LYS B 88 6.17 0.02 55.25
CA LYS B 88 5.79 -0.01 56.68
C LYS B 88 4.39 -0.55 56.95
N ARG B 89 3.49 -0.41 55.97
CA ARG B 89 2.12 -0.91 56.11
C ARG B 89 1.80 -1.93 55.02
N MET B 90 1.32 -1.45 53.88
CA MET B 90 1.12 -2.31 52.73
C MET B 90 2.27 -2.03 51.78
N PRO B 91 3.17 -3.02 51.60
CA PRO B 91 4.39 -2.82 50.80
C PRO B 91 4.06 -2.49 49.34
N HIS B 92 4.58 -1.36 48.87
CA HIS B 92 4.42 -0.98 47.46
C HIS B 92 5.53 -0.07 46.93
N VAL B 93 5.63 -0.03 45.62
CA VAL B 93 6.47 0.94 44.91
C VAL B 93 5.56 2.07 44.45
N VAL B 94 5.91 3.31 44.81
CA VAL B 94 5.20 4.51 44.35
C VAL B 94 6.05 5.30 43.35
N ILE B 95 5.50 5.48 42.16
CA ILE B 95 6.15 6.16 41.04
C ILE B 95 5.33 7.37 40.64
N THR B 96 5.96 8.54 40.64
CA THR B 96 5.29 9.78 40.27
C THR B 96 5.94 10.34 39.00
N CYS B 97 5.13 10.46 37.95
CA CYS B 97 5.49 11.20 36.76
C CYS B 97 5.60 12.70 37.08
N LEU B 98 6.82 13.22 37.01
CA LEU B 98 7.08 14.63 37.29
C LEU B 98 6.64 15.56 36.14
N GLU B 99 6.16 14.98 35.04
CA GLU B 99 5.74 15.79 33.89
C GLU B 99 4.25 16.08 33.88
N CYS B 100 3.43 15.13 34.33
CA CYS B 100 1.99 15.35 34.42
C CYS B 100 1.50 15.21 35.86
N GLY B 101 2.31 14.54 36.70
CA GLY B 101 2.00 14.39 38.12
C GLY B 101 1.26 13.11 38.47
N TYR B 102 1.01 12.27 37.47
CA TYR B 102 0.32 11.00 37.67
C TYR B 102 1.14 10.05 38.53
N ILE B 103 0.44 9.37 39.43
CA ILE B 103 1.01 8.51 40.43
C ILE B 103 0.58 7.06 40.11
N MET B 104 1.60 6.22 39.96
CA MET B 104 1.42 4.79 39.72
C MET B 104 1.97 4.00 40.91
N ARG B 105 1.17 3.06 41.41
CA ARG B 105 1.57 2.24 42.55
C ARG B 105 1.48 0.79 42.19
N TYR B 106 2.49 0.02 42.61
CA TYR B 106 2.52 -1.41 42.33
C TYR B 106 2.79 -2.17 43.62
N PRO B 107 1.99 -3.23 43.87
CA PRO B 107 2.26 -4.06 45.04
C PRO B 107 3.73 -4.52 45.06
N TYR B 108 4.31 -4.52 46.25
CA TYR B 108 5.64 -5.04 46.41
C TYR B 108 5.60 -6.35 47.21
N GLN C 17 -28.27 -2.84 -11.53
CA GLN C 17 -27.84 -2.29 -12.84
C GLN C 17 -28.08 -3.28 -13.99
N GLY C 18 -28.82 -2.82 -15.00
CA GLY C 18 -29.21 -3.63 -16.16
C GLY C 18 -28.06 -4.02 -17.07
N SER C 19 -27.01 -3.19 -17.12
CA SER C 19 -25.84 -3.56 -17.91
C SER C 19 -25.20 -4.82 -17.33
N TYR C 20 -25.10 -4.91 -16.00
CA TYR C 20 -24.56 -6.12 -15.37
C TYR C 20 -25.42 -7.38 -15.67
N GLN C 21 -26.75 -7.24 -15.63
CA GLN C 21 -27.71 -8.34 -15.89
C GLN C 21 -27.52 -9.06 -17.21
N GLU C 22 -27.18 -8.33 -18.26
CA GLU C 22 -26.93 -8.93 -19.58
C GLU C 22 -25.72 -9.89 -19.62
N ILE C 23 -24.87 -9.88 -18.60
CA ILE C 23 -23.71 -10.79 -18.53
C ILE C 23 -24.04 -12.19 -17.98
N ILE C 24 -25.10 -12.32 -17.16
CA ILE C 24 -25.50 -13.62 -16.62
C ILE C 24 -25.87 -14.55 -17.79
N GLY C 25 -25.39 -15.80 -17.75
CA GLY C 25 -25.56 -16.75 -18.86
C GLY C 25 -24.63 -16.49 -20.02
N ARG C 26 -23.87 -15.40 -19.92
CA ARG C 26 -22.92 -15.02 -20.97
C ARG C 26 -21.51 -14.80 -20.43
N THR C 27 -21.22 -15.36 -19.26
CA THR C 27 -19.90 -15.19 -18.66
C THR C 27 -18.78 -15.89 -19.44
N TRP C 28 -19.16 -16.82 -20.32
CA TRP C 28 -18.21 -17.58 -21.10
C TRP C 28 -17.36 -16.69 -21.98
N ILE C 29 -17.89 -15.51 -22.32
CA ILE C 29 -17.22 -14.55 -23.19
C ILE C 29 -16.02 -13.92 -22.49
N PHE C 30 -15.97 -14.04 -21.16
CA PHE C 30 -14.82 -13.56 -20.38
C PHE C 30 -13.64 -14.53 -20.45
N ARG C 31 -13.85 -15.77 -20.92
CA ARG C 31 -12.85 -16.83 -20.66
C ARG C 31 -11.37 -16.46 -20.83
N GLY C 32 -10.91 -16.13 -22.01
CA GLY C 32 -9.45 -15.88 -22.05
C GLY C 32 -9.05 -14.43 -22.20
N ALA C 33 -9.90 -13.54 -21.71
CA ALA C 33 -9.79 -12.12 -22.04
C ALA C 33 -8.64 -11.43 -21.31
N HIS C 34 -8.51 -11.71 -20.01
CA HIS C 34 -7.51 -11.08 -19.16
C HIS C 34 -6.10 -11.38 -19.71
N ARG C 35 -5.22 -10.37 -19.79
CA ARG C 35 -3.85 -10.65 -20.29
C ARG C 35 -2.57 -10.48 -19.48
N GLY C 36 -2.53 -9.74 -18.40
CA GLY C 36 -1.17 -9.82 -17.75
C GLY C 36 -0.76 -11.18 -17.13
N ARG C 37 0.53 -11.41 -16.92
CA ARG C 37 0.93 -12.35 -15.86
C ARG C 37 0.49 -11.75 -14.52
N VAL C 38 -0.31 -12.50 -13.76
CA VAL C 38 -0.81 -12.03 -12.47
C VAL C 38 -0.31 -12.96 -11.36
N THR C 39 0.21 -12.37 -10.28
CA THR C 39 0.71 -13.13 -9.14
C THR C 39 0.28 -12.48 -7.82
N ARG C 40 0.57 -13.14 -6.70
CA ARG C 40 0.24 -12.61 -5.38
C ARG C 40 0.91 -11.26 -5.15
N ARG C 41 2.15 -11.14 -5.63
CA ARG C 41 2.92 -9.91 -5.53
C ARG C 41 2.30 -8.76 -6.34
N ASN C 42 1.99 -8.99 -7.62
CA ASN C 42 1.50 -7.90 -8.49
C ASN C 42 -0.01 -7.65 -8.57
N ILE C 43 -0.82 -8.50 -7.96
CA ILE C 43 -2.29 -8.46 -8.16
C ILE C 43 -2.94 -7.15 -7.66
N ILE C 44 -2.34 -6.57 -6.64
CA ILE C 44 -2.77 -5.30 -6.04
C ILE C 44 -2.68 -4.12 -7.00
N TRP C 45 -1.82 -4.21 -8.03
CA TRP C 45 -1.71 -3.17 -9.05
C TRP C 45 -2.34 -3.52 -10.41
N HIS C 46 -2.76 -4.78 -10.59
CA HIS C 46 -3.18 -5.29 -11.89
C HIS C 46 -4.69 -5.13 -12.05
N GLU C 47 -5.25 -5.64 -13.16
CA GLU C 47 -6.69 -5.58 -13.38
C GLU C 47 -7.32 -6.77 -12.72
N LEU C 48 -8.27 -6.48 -11.85
CA LEU C 48 -9.05 -7.51 -11.20
C LEU C 48 -10.25 -7.86 -12.10
N ILE C 49 -10.76 -6.86 -12.80
CA ILE C 49 -11.80 -7.14 -13.82
C ILE C 49 -11.26 -8.18 -14.80
N GLY C 50 -12.06 -9.19 -15.10
CA GLY C 50 -11.67 -10.22 -16.06
C GLY C 50 -11.14 -11.46 -15.39
N LEU C 51 -10.82 -11.35 -14.09
CA LEU C 51 -10.39 -12.50 -13.26
C LEU C 51 -11.57 -13.27 -12.63
N ARG C 52 -11.51 -14.61 -12.72
CA ARG C 52 -12.36 -15.50 -11.94
C ARG C 52 -12.00 -15.32 -10.47
N VAL C 53 -13.01 -15.36 -9.60
CA VAL C 53 -12.79 -15.20 -8.15
C VAL C 53 -13.86 -15.97 -7.35
N ARG C 54 -13.50 -16.46 -6.18
CA ARG C 54 -14.48 -16.91 -5.19
C ARG C 54 -14.26 -16.17 -3.87
N ILE C 55 -15.33 -15.98 -3.09
CA ILE C 55 -15.18 -15.38 -1.76
C ILE C 55 -14.94 -16.49 -0.77
N VAL C 56 -13.71 -16.51 -0.23
CA VAL C 56 -13.31 -17.53 0.72
C VAL C 56 -14.01 -17.32 2.06
N GLY C 57 -14.00 -16.07 2.53
CA GLY C 57 -14.55 -15.71 3.82
C GLY C 57 -15.04 -14.30 3.74
N SER C 58 -15.98 -13.95 4.61
CA SER C 58 -16.52 -12.60 4.66
C SER C 58 -17.27 -12.39 5.96
N THR C 59 -17.13 -11.18 6.49
CA THR C 59 -17.89 -10.63 7.60
C THR C 59 -19.39 -10.43 7.25
N HIS C 60 -19.67 -10.35 5.95
CA HIS C 60 -21.00 -10.31 5.37
C HIS C 60 -21.36 -11.73 4.89
N PRO C 61 -22.09 -12.50 5.72
CA PRO C 61 -22.28 -13.93 5.46
C PRO C 61 -22.87 -14.28 4.10
N ALA C 62 -23.66 -13.39 3.49
CA ALA C 62 -24.34 -13.71 2.22
C ALA C 62 -23.36 -14.02 1.08
N PHE C 63 -22.16 -13.46 1.16
CA PHE C 63 -21.19 -13.58 0.08
C PHE C 63 -20.23 -14.76 0.16
N VAL C 64 -20.13 -15.41 1.32
CA VAL C 64 -19.15 -16.49 1.45
C VAL C 64 -19.49 -17.68 0.52
N GLY C 65 -18.53 -18.05 -0.32
CA GLY C 65 -18.73 -19.10 -1.31
C GLY C 65 -19.32 -18.66 -2.64
N ILE C 66 -19.68 -17.38 -2.77
CA ILE C 66 -19.93 -16.70 -4.07
C ILE C 66 -18.73 -16.88 -5.01
N GLU C 67 -19.03 -17.14 -6.28
CA GLU C 67 -17.99 -17.27 -7.29
C GLU C 67 -18.47 -16.70 -8.63
N GLY C 68 -17.53 -16.15 -9.39
CA GLY C 68 -17.85 -15.66 -10.73
C GLY C 68 -16.70 -14.89 -11.32
N TYR C 69 -16.95 -14.18 -12.40
CA TYR C 69 -15.96 -13.28 -12.93
C TYR C 69 -16.18 -11.91 -12.31
N VAL C 70 -15.10 -11.22 -11.96
CA VAL C 70 -15.18 -9.79 -11.67
C VAL C 70 -15.48 -9.05 -12.95
N ILE C 71 -16.56 -8.26 -12.93
CA ILE C 71 -16.98 -7.51 -14.11
C ILE C 71 -16.89 -5.99 -13.90
N ASP C 72 -16.78 -5.56 -12.65
CA ASP C 72 -16.57 -4.13 -12.35
C ASP C 72 -15.91 -3.94 -10.96
N GLU C 73 -15.34 -2.77 -10.73
CA GLU C 73 -14.67 -2.49 -9.47
C GLU C 73 -14.90 -1.02 -9.14
N THR C 74 -15.16 -0.73 -7.86
CA THR C 74 -15.21 0.61 -7.29
C THR C 74 -14.28 0.64 -6.05
N ARG C 75 -14.22 1.76 -5.32
CA ARG C 75 -13.26 1.89 -4.21
CA ARG C 75 -13.27 1.90 -4.19
C ARG C 75 -13.31 0.71 -3.21
N ASN C 76 -14.51 0.31 -2.84
CA ASN C 76 -14.67 -0.76 -1.86
C ASN C 76 -15.57 -1.92 -2.30
N MET C 77 -15.72 -2.14 -3.60
CA MET C 77 -16.69 -3.13 -4.11
C MET C 77 -16.18 -3.84 -5.36
N LEU C 78 -16.29 -5.16 -5.37
CA LEU C 78 -16.03 -5.92 -6.57
C LEU C 78 -17.39 -6.39 -7.03
N VAL C 79 -17.72 -6.15 -8.29
CA VAL C 79 -18.98 -6.65 -8.87
C VAL C 79 -18.71 -7.98 -9.60
N ILE C 80 -19.38 -9.04 -9.17
CA ILE C 80 -19.08 -10.40 -9.59
C ILE C 80 -20.29 -11.04 -10.30
N ALA C 81 -20.06 -11.58 -11.49
CA ALA C 81 -21.10 -12.25 -12.22
C ALA C 81 -20.84 -13.75 -12.24
N GLY C 82 -21.76 -14.49 -11.64
CA GLY C 82 -21.76 -15.94 -11.72
C GLY C 82 -23.17 -16.39 -12.09
N ASP C 83 -23.77 -17.22 -11.24
CA ASP C 83 -25.21 -17.57 -11.33
C ASP C 83 -26.07 -16.32 -11.19
N ARG C 84 -25.51 -15.27 -10.58
CA ARG C 84 -26.17 -13.97 -10.50
C ARG C 84 -25.12 -12.86 -10.25
N ILE C 85 -25.57 -11.61 -10.16
CA ILE C 85 -24.69 -10.49 -9.89
C ILE C 85 -24.67 -10.21 -8.42
N TRP C 86 -23.44 -10.15 -7.88
CA TRP C 86 -23.18 -9.81 -6.49
C TRP C 86 -22.28 -8.58 -6.46
N LYS C 87 -22.57 -7.67 -5.52
CA LYS C 87 -21.73 -6.52 -5.28
C LYS C 87 -21.06 -6.80 -3.94
N VAL C 88 -19.84 -7.31 -3.97
CA VAL C 88 -19.22 -7.73 -2.73
C VAL C 88 -18.19 -6.71 -2.18
N PRO C 89 -18.35 -6.28 -0.92
CA PRO C 89 -17.49 -5.28 -0.30
C PRO C 89 -16.08 -5.83 -0.13
N LYS C 90 -15.06 -5.06 -0.50
CA LYS C 90 -13.69 -5.52 -0.44
C LYS C 90 -13.17 -5.66 1.00
N ASP C 91 -13.37 -4.63 1.83
CA ASP C 91 -12.61 -4.50 3.08
C ASP C 91 -12.94 -5.56 4.13
N VAL C 92 -14.13 -6.14 4.04
CA VAL C 92 -14.58 -7.11 5.03
C VAL C 92 -14.43 -8.56 4.52
N SER C 93 -13.86 -8.75 3.33
CA SER C 93 -13.85 -10.04 2.65
C SER C 93 -12.47 -10.59 2.33
N ILE C 94 -12.38 -11.90 2.08
CA ILE C 94 -11.15 -12.57 1.64
C ILE C 94 -11.43 -13.21 0.30
N PHE C 95 -10.61 -12.88 -0.71
CA PHE C 95 -10.84 -13.36 -2.07
C PHE C 95 -9.83 -14.43 -2.50
N GLU C 96 -10.27 -15.41 -3.29
CA GLU C 96 -9.32 -16.25 -4.01
C GLU C 96 -9.57 -16.13 -5.51
N PHE C 97 -8.63 -15.49 -6.18
CA PHE C 97 -8.62 -15.31 -7.62
C PHE C 97 -7.95 -16.48 -8.30
N GLU C 98 -8.41 -16.83 -9.50
CA GLU C 98 -7.73 -17.81 -10.33
C GLU C 98 -7.08 -17.01 -11.47
N ALA C 99 -5.78 -17.18 -11.69
CA ALA C 99 -5.08 -16.59 -12.84
C ALA C 99 -5.44 -17.37 -14.09
N ASP C 100 -5.14 -16.79 -15.26
CA ASP C 100 -5.43 -17.45 -16.54
C ASP C 100 -4.74 -18.81 -16.70
N ASP C 101 -3.67 -19.06 -15.94
CA ASP C 101 -2.96 -20.33 -16.02
C ASP C 101 -3.38 -21.34 -14.94
N GLY C 102 -4.38 -20.97 -14.14
CA GLY C 102 -4.93 -21.86 -13.13
C GLY C 102 -4.40 -21.68 -11.72
N THR C 103 -3.34 -20.88 -11.57
CA THR C 103 -2.78 -20.49 -10.27
C THR C 103 -3.82 -19.77 -9.42
N LYS C 104 -3.95 -20.18 -8.17
CA LYS C 104 -4.84 -19.53 -7.21
C LYS C 104 -4.11 -18.43 -6.46
N ILE C 105 -4.78 -17.31 -6.25
CA ILE C 105 -4.20 -16.20 -5.50
C ILE C 105 -5.16 -15.76 -4.43
N LYS C 106 -4.81 -16.05 -3.18
CA LYS C 106 -5.66 -15.76 -2.04
C LYS C 106 -5.21 -14.45 -1.41
N ILE C 107 -6.14 -13.52 -1.24
CA ILE C 107 -5.76 -12.19 -0.76
C ILE C 107 -6.87 -11.54 0.08
N PRO C 108 -6.51 -10.96 1.24
CA PRO C 108 -7.44 -10.15 2.02
C PRO C 108 -7.91 -8.95 1.22
N GLY C 109 -9.22 -8.75 1.13
CA GLY C 109 -9.78 -7.68 0.30
C GLY C 109 -9.38 -6.30 0.72
N GLU C 110 -8.95 -6.15 1.98
CA GLU C 110 -8.43 -4.88 2.47
C GLU C 110 -7.20 -4.35 1.68
N ARG C 111 -6.42 -5.27 1.09
CA ARG C 111 -5.26 -4.89 0.26
C ARG C 111 -5.68 -4.29 -1.09
N LEU C 112 -6.94 -4.49 -1.44
CA LEU C 112 -7.45 -4.07 -2.75
C LEU C 112 -8.34 -2.85 -2.63
N VAL C 113 -8.42 -2.25 -1.42
CA VAL C 113 -9.25 -1.05 -1.25
C VAL C 113 -8.63 0.05 -2.12
N GLY C 114 -9.46 0.81 -2.82
CA GLY C 114 -8.97 1.78 -3.80
C GLY C 114 -9.71 1.68 -5.12
N ARG C 115 -10.00 2.83 -5.72
CA ARG C 115 -10.57 2.89 -7.08
C ARG C 115 -9.61 2.15 -8.01
N PRO C 116 -10.14 1.46 -9.04
CA PRO C 116 -9.27 0.60 -9.84
C PRO C 116 -7.97 1.30 -10.31
N GLU C 117 -8.10 2.55 -10.76
CA GLU C 117 -6.97 3.29 -11.33
C GLU C 117 -6.07 3.93 -10.26
N MET C 118 -6.55 3.96 -9.02
CA MET C 118 -5.75 4.48 -7.92
C MET C 118 -4.81 3.38 -7.39
N ARG C 119 -5.14 2.13 -7.71
CA ARG C 119 -4.37 0.96 -7.27
C ARG C 119 -3.00 0.79 -7.95
N LEU C 120 -2.74 1.55 -9.01
CA LEU C 120 -1.44 1.48 -9.68
C LEU C 120 -0.32 2.05 -8.80
N LYS C 121 -0.64 3.08 -8.01
CA LYS C 121 0.33 3.75 -7.13
C LYS C 121 0.85 2.83 -6.01
N LYS D 12 10.49 2.09 -13.29
CA LYS D 12 9.18 2.55 -13.85
C LYS D 12 8.65 1.59 -14.92
N LYS D 13 9.50 0.65 -15.34
CA LYS D 13 9.19 -0.28 -16.43
C LYS D 13 8.12 -1.31 -16.09
N GLU D 14 8.07 -1.75 -14.82
CA GLU D 14 7.07 -2.73 -14.36
C GLU D 14 5.68 -2.10 -14.31
N LYS D 15 5.62 -0.94 -13.68
CA LYS D 15 4.42 -0.11 -13.58
C LYS D 15 3.84 0.22 -14.96
N LYS D 16 4.71 0.58 -15.90
CA LYS D 16 4.28 0.81 -17.27
C LYS D 16 3.84 -0.48 -17.98
N LYS D 17 4.60 -1.57 -17.85
CA LYS D 17 4.15 -2.88 -18.36
C LYS D 17 2.76 -3.30 -17.85
N ILE D 18 2.54 -3.26 -16.53
CA ILE D 18 1.23 -3.59 -15.95
C ILE D 18 0.13 -2.72 -16.54
N ALA D 19 0.41 -1.41 -16.58
CA ALA D 19 -0.53 -0.43 -17.07
C ALA D 19 -1.03 -0.82 -18.43
N ILE D 20 -0.13 -1.22 -19.33
CA ILE D 20 -0.59 -1.60 -20.66
C ILE D 20 -1.25 -2.99 -20.72
N GLU D 21 -0.83 -3.91 -19.84
CA GLU D 21 -1.58 -5.17 -19.70
C GLU D 21 -3.04 -4.94 -19.25
N ARG D 22 -3.24 -3.99 -18.32
CA ARG D 22 -4.57 -3.57 -17.86
C ARG D 22 -5.38 -2.94 -18.98
N ILE D 23 -4.79 -1.97 -19.68
CA ILE D 23 -5.39 -1.36 -20.87
C ILE D 23 -5.79 -2.45 -21.90
N ASP D 24 -4.88 -3.38 -22.16
CA ASP D 24 -5.09 -4.48 -23.11
C ASP D 24 -6.29 -5.37 -22.69
N THR D 25 -6.32 -5.72 -21.40
CA THR D 25 -7.42 -6.49 -20.79
C THR D 25 -8.76 -5.77 -20.94
N LEU D 26 -8.80 -4.51 -20.54
CA LEU D 26 -10.06 -3.72 -20.55
C LEU D 26 -10.66 -3.60 -21.94
N PHE D 27 -9.82 -3.32 -22.94
CA PHE D 27 -10.25 -3.21 -24.35
C PHE D 27 -10.64 -4.55 -24.96
N THR D 28 -9.88 -5.60 -24.66
CA THR D 28 -10.27 -6.98 -25.03
C THR D 28 -11.64 -7.34 -24.46
N LEU D 29 -11.87 -6.98 -23.19
CA LEU D 29 -13.19 -7.16 -22.55
C LEU D 29 -14.29 -6.33 -23.20
N ALA D 30 -14.03 -5.06 -23.47
CA ALA D 30 -14.98 -4.21 -24.16
C ALA D 30 -15.41 -4.83 -25.47
N GLU D 31 -14.46 -5.43 -26.20
CA GLU D 31 -14.74 -6.04 -27.47
C GLU D 31 -15.66 -7.26 -27.33
N ARG D 32 -15.45 -8.06 -26.28
CA ARG D 32 -16.30 -9.23 -25.97
C ARG D 32 -17.72 -8.84 -25.56
N VAL D 33 -17.87 -7.86 -24.68
CA VAL D 33 -19.18 -7.57 -24.11
C VAL D 33 -20.03 -6.57 -24.89
N ALA D 34 -19.45 -5.91 -25.90
CA ALA D 34 -20.04 -4.70 -26.49
C ALA D 34 -21.42 -4.96 -27.09
N ARG D 35 -21.59 -6.11 -27.71
CA ARG D 35 -22.86 -6.40 -28.39
C ARG D 35 -23.96 -6.70 -27.41
N TYR D 36 -23.60 -7.12 -26.19
CA TYR D 36 -24.61 -7.46 -25.18
C TYR D 36 -24.81 -6.34 -24.19
N SER D 37 -23.71 -5.68 -23.82
CA SER D 37 -23.78 -4.54 -22.92
C SER D 37 -22.90 -3.36 -23.37
N PRO D 38 -23.44 -2.47 -24.24
CA PRO D 38 -22.65 -1.33 -24.72
C PRO D 38 -22.19 -0.40 -23.60
N ASP D 39 -22.99 -0.32 -22.52
CA ASP D 39 -22.67 0.52 -21.38
C ASP D 39 -21.51 -0.04 -20.60
N LEU D 40 -21.46 -1.38 -20.48
CA LEU D 40 -20.33 -2.04 -19.82
C LEU D 40 -19.02 -1.85 -20.59
N ALA D 41 -19.08 -2.03 -21.91
CA ALA D 41 -17.94 -1.79 -22.77
C ALA D 41 -17.41 -0.35 -22.64
N LYS D 42 -18.32 0.62 -22.55
CA LYS D 42 -18.02 2.03 -22.32
C LYS D 42 -17.26 2.26 -21.01
N ARG D 43 -17.73 1.60 -19.95
CA ARG D 43 -17.06 1.61 -18.65
C ARG D 43 -15.63 1.10 -18.76
N TYR D 44 -15.42 -0.01 -19.49
CA TYR D 44 -14.07 -0.54 -19.67
C TYR D 44 -13.17 0.44 -20.42
N VAL D 45 -13.75 1.06 -21.44
CA VAL D 45 -13.05 2.09 -22.24
C VAL D 45 -12.68 3.28 -21.38
N GLU D 46 -13.67 3.82 -20.65
CA GLU D 46 -13.40 4.93 -19.73
C GLU D 46 -12.34 4.59 -18.67
N LEU D 47 -12.40 3.35 -18.14
CA LEU D 47 -11.40 2.88 -17.18
C LEU D 47 -10.00 2.82 -17.78
N ALA D 48 -9.89 2.25 -18.98
CA ALA D 48 -8.61 2.18 -19.70
C ALA D 48 -7.97 3.56 -19.91
N LEU D 49 -8.79 4.56 -20.22
CA LEU D 49 -8.31 5.95 -20.40
C LEU D 49 -7.84 6.60 -19.09
N GLU D 50 -8.54 6.31 -17.99
CA GLU D 50 -8.10 6.70 -16.67
C GLU D 50 -6.72 6.17 -16.35
N ILE D 51 -6.48 4.91 -16.67
CA ILE D 51 -5.24 4.22 -16.37
C ILE D 51 -4.11 4.83 -17.20
N GLN D 52 -4.42 5.05 -18.47
CA GLN D 52 -3.54 5.69 -19.43
C GLN D 52 -3.03 7.03 -18.89
N LYS D 53 -3.95 7.85 -18.39
CA LYS D 53 -3.60 9.14 -17.85
C LYS D 53 -2.65 9.04 -16.64
N LYS D 54 -3.01 8.19 -15.69
CA LYS D 54 -2.28 8.04 -14.43
C LYS D 54 -0.90 7.42 -14.62
N ALA D 55 -0.81 6.44 -15.52
CA ALA D 55 0.44 5.74 -15.74
C ALA D 55 1.37 6.54 -16.66
N LYS D 56 0.77 7.45 -17.42
CA LYS D 56 1.46 8.28 -18.42
C LYS D 56 1.95 7.44 -19.60
N VAL D 57 1.17 6.44 -19.98
CA VAL D 57 1.48 5.61 -21.16
C VAL D 57 0.53 5.95 -22.31
N LYS D 58 0.89 5.57 -23.53
CA LYS D 58 -0.01 5.76 -24.67
C LYS D 58 -0.88 4.52 -24.83
N ILE D 59 -2.11 4.72 -25.29
CA ILE D 59 -2.94 3.58 -25.68
C ILE D 59 -2.30 2.91 -26.88
N PRO D 60 -2.01 1.60 -26.76
CA PRO D 60 -1.29 0.88 -27.79
C PRO D 60 -2.01 0.89 -29.14
N ARG D 61 -1.22 0.70 -30.18
CA ARG D 61 -1.69 0.81 -31.55
C ARG D 61 -2.91 -0.06 -31.88
N LYS D 62 -3.02 -1.26 -31.31
CA LYS D 62 -4.17 -2.12 -31.65
C LYS D 62 -5.52 -1.66 -31.10
N TRP D 63 -5.49 -0.78 -30.10
CA TRP D 63 -6.71 -0.30 -29.44
C TRP D 63 -7.02 1.20 -29.67
N LYS D 64 -6.02 1.95 -30.11
CA LYS D 64 -6.11 3.41 -30.17
C LYS D 64 -7.20 3.94 -31.11
N ARG D 65 -7.61 3.12 -32.09
CA ARG D 65 -8.67 3.45 -33.04
C ARG D 65 -10.05 2.80 -32.74
N ARG D 66 -10.15 2.08 -31.62
CA ARG D 66 -11.29 1.21 -31.36
C ARG D 66 -12.32 1.82 -30.42
N TYR D 67 -12.20 3.11 -30.13
CA TYR D 67 -13.23 3.82 -29.34
C TYR D 67 -13.45 5.25 -29.87
N CYS D 68 -14.69 5.74 -29.73
CA CYS D 68 -15.02 7.10 -30.12
C CYS D 68 -14.47 8.10 -29.12
N LYS D 69 -13.66 9.04 -29.59
CA LYS D 69 -13.04 10.00 -28.67
C LYS D 69 -14.07 10.99 -28.11
N ARG D 70 -15.29 10.97 -28.65
CA ARG D 70 -16.30 11.83 -28.08
C ARG D 70 -17.22 11.10 -27.12
N CYS D 71 -17.95 10.08 -27.59
CA CYS D 71 -18.90 9.40 -26.75
C CYS D 71 -18.33 8.16 -26.02
N HIS D 72 -17.10 7.78 -26.35
CA HIS D 72 -16.39 6.65 -25.70
C HIS D 72 -16.98 5.26 -25.93
N THR D 73 -17.88 5.13 -26.90
CA THR D 73 -18.39 3.82 -27.24
C THR D 73 -17.29 2.99 -27.88
N PHE D 74 -17.26 1.68 -27.64
CA PHE D 74 -16.32 0.77 -28.31
C PHE D 74 -16.75 0.60 -29.75
N LEU D 75 -15.82 0.81 -30.68
CA LEU D 75 -16.19 0.83 -32.10
C LEU D 75 -15.98 -0.49 -32.82
N ILE D 76 -17.04 -0.96 -33.49
CA ILE D 76 -16.98 -2.19 -34.28
C ILE D 76 -17.35 -1.89 -35.74
N PRO D 77 -16.33 -1.90 -36.63
CA PRO D 77 -16.53 -1.55 -38.03
C PRO D 77 -17.65 -2.41 -38.62
N GLY D 78 -18.58 -1.79 -39.35
CA GLY D 78 -19.69 -2.54 -39.97
C GLY D 78 -20.89 -2.76 -39.06
N VAL D 79 -20.77 -2.35 -37.80
CA VAL D 79 -21.88 -2.42 -36.84
C VAL D 79 -22.25 -1.01 -36.36
N ASN D 80 -21.35 -0.38 -35.61
CA ASN D 80 -21.60 0.96 -35.08
C ASN D 80 -20.50 1.97 -35.52
N ALA D 81 -19.78 1.61 -36.59
CA ALA D 81 -18.67 2.39 -37.12
C ALA D 81 -18.51 2.18 -38.61
N ARG D 82 -18.24 3.27 -39.34
CA ARG D 82 -17.91 3.20 -40.75
C ARG D 82 -16.41 3.44 -40.87
N VAL D 83 -15.72 2.52 -41.55
CA VAL D 83 -14.28 2.64 -41.74
C VAL D 83 -14.02 2.81 -43.23
N ARG D 84 -13.38 3.91 -43.60
CA ARG D 84 -13.10 4.22 -45.01
C ARG D 84 -11.60 4.38 -45.26
N LEU D 85 -11.05 3.58 -46.18
CA LEU D 85 -9.65 3.71 -46.57
C LEU D 85 -9.52 4.72 -47.72
N ARG D 86 -8.57 5.64 -47.57
CA ARG D 86 -8.22 6.63 -48.61
C ARG D 86 -6.72 6.53 -48.97
N THR D 87 -6.44 6.12 -50.20
CA THR D 87 -5.07 5.78 -50.63
C THR D 87 -4.46 6.73 -51.67
N LYS D 88 -5.16 7.82 -51.99
CA LYS D 88 -4.81 8.64 -53.16
C LYS D 88 -3.48 9.39 -53.06
N ARG D 89 -3.19 9.99 -51.90
CA ARG D 89 -1.91 10.67 -51.70
C ARG D 89 -1.18 10.11 -50.46
N MET D 90 -1.10 10.87 -49.37
CA MET D 90 -0.60 10.30 -48.12
C MET D 90 -1.74 9.48 -47.50
N PRO D 91 -1.62 8.14 -47.54
CA PRO D 91 -2.77 7.26 -47.25
C PRO D 91 -3.28 7.41 -45.82
N HIS D 92 -4.61 7.46 -45.67
CA HIS D 92 -5.25 7.53 -44.36
C HIS D 92 -6.57 6.74 -44.22
N VAL D 93 -6.95 6.53 -42.96
CA VAL D 93 -8.17 5.87 -42.60
C VAL D 93 -9.13 6.89 -41.97
N VAL D 94 -10.38 6.88 -42.43
CA VAL D 94 -11.45 7.68 -41.82
C VAL D 94 -12.45 6.77 -41.08
N ILE D 95 -12.60 7.03 -39.77
CA ILE D 95 -13.49 6.23 -38.92
C ILE D 95 -14.62 7.11 -38.39
N THR D 96 -15.87 6.72 -38.67
CA THR D 96 -17.02 7.51 -38.23
C THR D 96 -17.83 6.71 -37.20
N CYS D 97 -18.00 7.28 -36.00
CA CYS D 97 -18.89 6.75 -34.95
C CYS D 97 -20.35 6.93 -35.37
N LEU D 98 -21.07 5.81 -35.49
CA LEU D 98 -22.48 5.81 -35.89
C LEU D 98 -23.41 5.93 -34.67
N GLU D 99 -22.79 6.22 -33.51
CA GLU D 99 -23.58 6.49 -32.31
C GLU D 99 -23.75 7.98 -32.10
N CYS D 100 -22.71 8.77 -32.37
CA CYS D 100 -22.75 10.21 -32.14
C CYS D 100 -22.25 11.01 -33.36
N GLY D 101 -21.69 10.30 -34.35
CA GLY D 101 -21.29 10.94 -35.62
C GLY D 101 -19.89 11.51 -35.67
N TYR D 102 -19.11 11.27 -34.62
CA TYR D 102 -17.80 11.85 -34.53
C TYR D 102 -16.83 11.24 -35.56
N ILE D 103 -15.98 12.08 -36.18
CA ILE D 103 -15.05 11.64 -37.24
C ILE D 103 -13.66 11.64 -36.69
N MET D 104 -12.96 10.54 -36.92
CA MET D 104 -11.55 10.41 -36.53
C MET D 104 -10.72 9.93 -37.71
N ARG D 105 -9.58 10.58 -37.93
CA ARG D 105 -8.69 10.25 -39.06
C ARG D 105 -7.31 9.83 -38.58
N TYR D 106 -6.77 8.78 -39.19
CA TYR D 106 -5.43 8.28 -38.86
C TYR D 106 -4.64 7.98 -40.13
N PRO D 107 -3.29 8.15 -40.10
CA PRO D 107 -2.51 7.71 -41.25
C PRO D 107 -2.56 6.19 -41.42
N TYR D 108 -2.59 5.74 -42.67
CA TYR D 108 -2.43 4.33 -43.01
C TYR D 108 -0.93 3.95 -42.98
N LEU D 109 -0.09 4.75 -43.64
CA LEU D 109 1.38 4.61 -43.55
C LEU D 109 2.12 5.95 -43.68
N NO3 E . 27.70 11.83 18.02
O1 NO3 E . 27.02 12.73 17.16
O2 NO3 E . 29.02 11.42 17.78
O3 NO3 E . 27.05 11.32 19.15
N NO3 F . 26.53 17.73 -2.84
O1 NO3 F . 25.73 18.21 -1.79
O2 NO3 F . 26.37 18.26 -4.13
O3 NO3 F . 27.47 16.72 -2.61
N NO3 G . 8.38 14.21 -2.74
O1 NO3 G . 7.04 14.59 -2.58
O2 NO3 G . 8.69 12.90 -3.16
O3 NO3 G . 9.41 15.14 -2.49
C1 GOL H . 17.39 9.41 -8.54
O1 GOL H . 18.14 9.56 -9.73
C2 GOL H . 17.07 7.94 -8.32
O2 GOL H . 18.26 7.23 -8.11
C3 GOL H . 16.18 7.80 -7.09
O3 GOL H . 15.09 6.94 -7.37
C1 GOL I . 15.44 19.31 -1.29
O1 GOL I . 14.29 19.77 -1.95
C2 GOL I . 16.61 20.26 -1.52
O2 GOL I . 17.61 20.05 -0.55
C3 GOL I . 17.21 20.04 -2.91
O3 GOL I . 17.96 18.85 -2.94
ZN ZN J . 2.77 11.50 33.14
N NO3 K . 14.26 8.79 42.38
O1 NO3 K . 13.83 7.64 41.74
O2 NO3 K . 13.33 9.63 42.96
O3 NO3 K . 15.59 9.12 42.42
C1 GOL L . -5.98 9.51 40.18
O1 GOL L . -6.38 8.79 39.02
C2 GOL L . -4.86 10.52 39.86
O2 GOL L . -5.04 10.99 38.54
C3 GOL L . -3.46 9.92 40.05
O3 GOL L . -2.45 10.90 40.33
N NO3 M . -21.75 0.79 -16.22
O1 NO3 M . -21.76 -0.52 -16.69
O2 NO3 M . -22.68 1.71 -16.74
O3 NO3 M . -20.83 1.17 -15.22
N NO3 N . -22.45 -18.85 -18.57
O1 NO3 N . -22.95 -20.09 -18.19
O2 NO3 N . -22.69 -17.77 -17.74
O3 NO3 N . -21.75 -18.67 -19.75
N NO3 O . -14.67 3.82 -9.33
O1 NO3 O . -13.92 3.54 -10.48
O2 NO3 O . -16.03 4.15 -9.42
O3 NO3 O . -14.06 3.77 -8.08
ZN ZN P . -19.24 8.63 -30.71
N NO3 Q . -23.09 3.38 -43.09
O1 NO3 Q . -24.16 3.29 -43.99
O2 NO3 Q . -22.66 4.63 -42.63
O3 NO3 Q . -22.40 2.23 -42.68
N NO3 R . -2.65 10.89 -43.50
O1 NO3 R . -3.65 10.34 -44.28
O2 NO3 R . -2.92 11.29 -42.16
O3 NO3 R . -1.41 11.03 -44.12
C1 GOL S . -15.93 15.51 -35.79
O1 GOL S . -16.85 15.02 -36.74
C2 GOL S . -14.66 16.09 -36.41
O2 GOL S . -13.67 15.09 -36.49
C3 GOL S . -14.10 17.25 -35.55
O3 GOL S . -15.02 18.33 -35.44
#